data_8AK3
#
_entry.id   8AK3
#
_cell.length_a   95.418
_cell.length_b   95.418
_cell.length_c   164.600
_cell.angle_alpha   90.000
_cell.angle_beta   90.000
_cell.angle_gamma   120.000
#
_symmetry.space_group_name_H-M   'P 63 2 2'
#
loop_
_entity.id
_entity.type
_entity.pdbx_description
1 polymer Obscurin
2 non-polymer "ADENOSINE-5'-DIPHOSPHATE"
3 non-polymer GLYCEROL
4 water water
#
_entity_poly.entity_id   1
_entity_poly.type   'polypeptide(L)'
_entity_poly.pdbx_seq_one_letter_code
;GPYDIGDELGRGTQGITYHAVERSSGDNYAAKIMYGRPELRPFMLNELEMMNTFNHKNLIRPYDAYDTDRSVTLIMELAA
GGELVRDNLLRRDYYTERDIAHYIRQTLWGLEHMHEMGVGHMGLTIKDLLISVVGGDIIKVSDFGLSRKINRHNLSTLDY
GMPEFVSPEVVNKEGVNFSHDMWTVGLITYVLLGGHNPFLGIDDRETLTKIREGRWDFKDEIWTHISDDGRDFISRLLLY
SPEERMDVKTALKHPWFFMLDRPVYDHDYQIGTDRLRNYYDHFRDWYANASCKNYFR
;
_entity_poly.pdbx_strand_id   A
#
# COMPACT_ATOMS: atom_id res chain seq x y z
N GLY A 1 -19.55 27.24 -0.23
CA GLY A 1 -18.72 26.07 -0.43
C GLY A 1 -17.54 26.05 0.53
N PRO A 2 -17.45 25.01 1.36
CA PRO A 2 -16.43 25.01 2.40
C PRO A 2 -15.03 24.75 1.90
N TYR A 3 -14.83 24.14 0.73
CA TYR A 3 -13.52 23.65 0.32
C TYR A 3 -13.10 24.29 -1.00
N ASP A 4 -11.87 24.76 -1.06
CA ASP A 4 -11.28 25.32 -2.26
C ASP A 4 -10.35 24.27 -2.85
N ILE A 5 -10.77 23.66 -3.96
CA ILE A 5 -10.07 22.52 -4.52
C ILE A 5 -8.89 23.02 -5.34
N GLY A 6 -7.69 22.49 -5.05
CA GLY A 6 -6.50 22.94 -5.73
C GLY A 6 -5.89 21.88 -6.63
N ASP A 7 -4.58 21.72 -6.55
CA ASP A 7 -3.82 20.88 -7.47
C ASP A 7 -4.02 19.39 -7.23
N GLU A 8 -3.97 18.62 -8.33
CA GLU A 8 -3.96 17.15 -8.25
C GLU A 8 -2.79 16.66 -7.41
N LEU A 9 -3.06 15.75 -6.47
CA LEU A 9 -2.02 15.12 -5.66
C LEU A 9 -1.68 13.71 -6.10
N GLY A 10 -2.66 12.95 -6.58
CA GLY A 10 -2.42 11.60 -6.99
C GLY A 10 -3.68 11.04 -7.61
N ARG A 11 -3.55 9.84 -8.18
CA ARG A 11 -4.70 9.24 -8.82
C ARG A 11 -4.70 7.74 -8.55
N GLY A 12 -5.90 7.18 -8.52
CA GLY A 12 -6.07 5.78 -8.24
C GLY A 12 -7.17 5.20 -9.11
N THR A 13 -7.73 4.07 -8.67
CA THR A 13 -8.72 3.39 -9.49
C THR A 13 -10.13 3.92 -9.26
N GLN A 14 -10.42 4.55 -8.13
CA GLN A 14 -11.74 5.13 -7.96
C GLN A 14 -11.83 6.63 -8.24
N GLY A 15 -10.71 7.36 -8.23
CA GLY A 15 -10.79 8.76 -8.56
C GLY A 15 -9.44 9.42 -8.43
N ILE A 16 -9.47 10.75 -8.47
CA ILE A 16 -8.28 11.58 -8.37
C ILE A 16 -8.34 12.34 -7.05
N THR A 17 -7.20 12.48 -6.40
CA THR A 17 -7.11 13.17 -5.13
C THR A 17 -6.45 14.52 -5.32
N TYR A 18 -7.08 15.57 -4.77
CA TYR A 18 -6.64 16.95 -4.95
C TYR A 18 -6.33 17.57 -3.59
N HIS A 19 -5.47 18.57 -3.60
CA HIS A 19 -5.30 19.39 -2.41
C HIS A 19 -6.54 20.26 -2.21
N ALA A 20 -7.01 20.34 -0.97
CA ALA A 20 -8.18 21.14 -0.67
C ALA A 20 -7.90 22.00 0.56
N VAL A 21 -8.39 23.23 0.52
CA VAL A 21 -8.26 24.13 1.66
C VAL A 21 -9.65 24.36 2.22
N GLU A 22 -9.82 24.04 3.49
CA GLU A 22 -11.04 24.43 4.19
C GLU A 22 -11.05 25.93 4.38
N ARG A 23 -11.98 26.63 3.70
CA ARG A 23 -11.97 28.08 3.68
C ARG A 23 -12.00 28.68 5.08
N SER A 24 -12.87 28.16 5.95
CA SER A 24 -13.15 28.79 7.25
C SER A 24 -11.99 28.70 8.23
N SER A 25 -11.01 27.83 7.99
CA SER A 25 -9.87 27.65 8.87
C SER A 25 -8.54 27.87 8.19
N GLY A 26 -8.47 27.67 6.88
CA GLY A 26 -7.21 27.65 6.18
C GLY A 26 -6.48 26.33 6.29
N ASP A 27 -7.06 25.32 6.93
CA ASP A 27 -6.41 24.02 7.07
C ASP A 27 -6.45 23.27 5.74
N ASN A 28 -5.45 22.43 5.52
CA ASN A 28 -5.27 21.69 4.29
C ASN A 28 -5.80 20.27 4.45
N TYR A 29 -6.53 19.81 3.45
CA TYR A 29 -7.08 18.46 3.42
C TYR A 29 -6.82 17.85 2.05
N ALA A 30 -7.16 16.58 1.91
CA ALA A 30 -7.14 15.89 0.63
C ALA A 30 -8.59 15.67 0.21
N ALA A 31 -8.89 15.94 -1.06
CA ALA A 31 -10.23 15.75 -1.63
C ALA A 31 -10.14 14.65 -2.67
N LYS A 32 -10.74 13.50 -2.38
CA LYS A 32 -10.84 12.42 -3.36
C LYS A 32 -12.14 12.52 -4.12
N ILE A 33 -12.06 12.73 -5.44
CA ILE A 33 -13.21 12.95 -6.29
C ILE A 33 -13.32 11.74 -7.22
N MET A 34 -14.44 11.02 -7.16
CA MET A 34 -14.49 9.78 -7.93
C MET A 34 -14.65 10.09 -9.41
N TYR A 35 -14.13 9.19 -10.24
CA TYR A 35 -14.43 9.25 -11.66
C TYR A 35 -15.93 9.18 -11.85
N GLY A 36 -16.42 9.79 -12.92
CA GLY A 36 -17.86 9.86 -13.16
C GLY A 36 -18.52 8.57 -13.65
N ARG A 37 -18.21 7.44 -13.01
CA ARG A 37 -18.83 6.16 -13.36
C ARG A 37 -19.66 5.66 -12.18
N PRO A 38 -20.97 5.51 -12.32
CA PRO A 38 -21.80 5.20 -11.14
C PRO A 38 -21.45 3.90 -10.44
N GLU A 39 -20.84 2.94 -11.13
CA GLU A 39 -20.42 1.72 -10.45
C GLU A 39 -19.28 1.95 -9.45
N LEU A 40 -18.63 3.10 -9.46
CA LEU A 40 -17.63 3.37 -8.42
C LEU A 40 -18.25 3.83 -7.10
N ARG A 41 -19.49 4.31 -7.11
CA ARG A 41 -20.08 4.85 -5.88
C ARG A 41 -20.01 3.87 -4.72
N PRO A 42 -20.35 2.58 -4.88
CA PRO A 42 -20.23 1.65 -3.73
C PRO A 42 -18.83 1.57 -3.15
N PHE A 43 -17.78 1.68 -3.98
CA PHE A 43 -16.43 1.68 -3.44
C PHE A 43 -16.14 2.95 -2.67
N MET A 44 -16.69 4.07 -3.10
CA MET A 44 -16.43 5.31 -2.37
C MET A 44 -17.15 5.29 -1.04
N LEU A 45 -18.38 4.79 -1.03
CA LEU A 45 -19.10 4.68 0.24
C LEU A 45 -18.42 3.68 1.17
N ASN A 46 -17.83 2.62 0.61
CA ASN A 46 -17.10 1.66 1.44
C ASN A 46 -15.91 2.32 2.11
N GLU A 47 -15.11 3.07 1.32
CA GLU A 47 -13.98 3.80 1.86
C GLU A 47 -14.39 4.70 3.01
N LEU A 48 -15.47 5.46 2.81
CA LEU A 48 -15.96 6.35 3.86
C LEU A 48 -16.33 5.57 5.13
N GLU A 49 -17.08 4.49 4.97
CA GLU A 49 -17.51 3.69 6.13
C GLU A 49 -16.30 3.11 6.86
N MET A 50 -15.36 2.53 6.11
CA MET A 50 -14.12 1.98 6.68
C MET A 50 -13.31 3.04 7.39
N MET A 51 -13.09 4.20 6.76
CA MET A 51 -12.26 5.21 7.41
C MET A 51 -12.88 5.69 8.70
N ASN A 52 -14.21 5.72 8.77
CA ASN A 52 -14.88 6.14 9.99
C ASN A 52 -14.84 5.05 11.05
N THR A 53 -14.44 3.84 10.67
CA THR A 53 -14.36 2.74 11.62
C THR A 53 -13.01 2.72 12.34
N PHE A 54 -11.95 3.19 11.71
CA PHE A 54 -10.61 3.09 12.29
C PHE A 54 -10.24 4.34 13.07
N ASN A 55 -9.35 4.17 14.02
CA ASN A 55 -8.80 5.35 14.70
C ASN A 55 -7.39 5.00 15.13
N HIS A 56 -6.45 5.26 14.22
CA HIS A 56 -5.08 4.83 14.48
C HIS A 56 -4.14 5.80 13.79
N LYS A 57 -3.02 6.07 14.47
CA LYS A 57 -2.04 7.04 13.97
C LYS A 57 -1.51 6.68 12.59
N ASN A 58 -1.50 5.40 12.22
CA ASN A 58 -0.97 5.02 10.91
C ASN A 58 -2.03 4.79 9.84
N LEU A 59 -3.28 5.18 10.09
CA LEU A 59 -4.34 5.05 9.09
C LEU A 59 -4.96 6.42 8.82
N ILE A 60 -5.16 6.74 7.54
CA ILE A 60 -5.72 8.03 7.17
C ILE A 60 -7.12 8.18 7.76
N ARG A 61 -7.41 9.39 8.36
CA ARG A 61 -8.69 9.68 8.99
C ARG A 61 -9.63 10.42 8.03
N PRO A 62 -10.94 10.21 8.17
CA PRO A 62 -11.90 10.93 7.33
C PRO A 62 -12.18 12.31 7.90
N TYR A 63 -12.84 13.16 7.10
CA TYR A 63 -13.17 14.51 7.59
C TYR A 63 -14.57 14.94 7.16
N ASP A 64 -14.86 14.85 5.86
CA ASP A 64 -16.12 15.34 5.32
C ASP A 64 -16.44 14.57 4.04
N ALA A 65 -17.66 14.72 3.55
CA ALA A 65 -18.12 14.03 2.35
C ALA A 65 -19.34 14.74 1.80
N TYR A 66 -19.51 14.68 0.47
CA TYR A 66 -20.69 15.23 -0.18
C TYR A 66 -20.75 14.65 -1.58
N ASP A 67 -21.86 14.86 -2.27
CA ASP A 67 -22.02 14.21 -3.56
C ASP A 67 -22.96 14.98 -4.47
N THR A 68 -22.88 14.66 -5.75
CA THR A 68 -23.89 15.00 -6.74
C THR A 68 -24.68 13.73 -7.04
N ASP A 69 -25.61 13.82 -7.99
CA ASP A 69 -26.26 12.58 -8.45
C ASP A 69 -25.25 11.55 -8.92
N ARG A 70 -24.23 11.98 -9.66
CA ARG A 70 -23.28 11.02 -10.21
C ARG A 70 -22.08 10.75 -9.31
N SER A 71 -21.52 11.78 -8.68
CA SER A 71 -20.16 11.66 -8.15
C SER A 71 -20.09 12.00 -6.66
N VAL A 72 -19.20 11.29 -5.97
CA VAL A 72 -18.97 11.44 -4.54
C VAL A 72 -17.62 12.11 -4.36
N THR A 73 -17.53 13.04 -3.41
CA THR A 73 -16.25 13.61 -2.99
C THR A 73 -16.02 13.27 -1.53
N LEU A 74 -14.83 12.76 -1.20
CA LEU A 74 -14.44 12.50 0.18
C LEU A 74 -13.33 13.47 0.57
N ILE A 75 -13.53 14.16 1.70
CA ILE A 75 -12.49 15.03 2.24
C ILE A 75 -11.81 14.28 3.36
N MET A 76 -10.49 14.20 3.33
CA MET A 76 -9.80 13.35 4.29
C MET A 76 -8.52 14.02 4.76
N GLU A 77 -7.96 13.47 5.83
CA GLU A 77 -6.69 13.94 6.38
C GLU A 77 -5.64 13.96 5.27
N LEU A 78 -4.90 15.05 5.20
CA LEU A 78 -3.89 15.21 4.17
C LEU A 78 -2.57 14.65 4.69
N ALA A 79 -2.01 13.68 3.98
CA ALA A 79 -0.63 13.25 4.22
C ALA A 79 0.28 14.26 3.52
N ALA A 80 0.82 15.21 4.28
CA ALA A 80 1.47 16.34 3.62
C ALA A 80 2.83 16.00 3.06
N GLY A 81 3.47 14.92 3.51
CA GLY A 81 4.68 14.48 2.85
C GLY A 81 4.47 13.71 1.56
N GLY A 82 3.23 13.47 1.17
CA GLY A 82 2.96 12.78 -0.09
C GLY A 82 3.20 11.27 0.00
N GLU A 83 3.43 10.67 -1.17
CA GLU A 83 3.58 9.23 -1.30
C GLU A 83 5.00 8.84 -0.86
N LEU A 84 5.13 7.74 -0.10
CA LEU A 84 6.45 7.31 0.37
C LEU A 84 7.44 7.16 -0.79
N VAL A 85 7.04 6.43 -1.82
CA VAL A 85 7.97 6.16 -2.92
C VAL A 85 8.15 7.41 -3.78
N ARG A 86 7.05 7.90 -4.37
CA ARG A 86 7.17 9.00 -5.34
C ARG A 86 7.77 10.25 -4.73
N ASP A 87 7.35 10.61 -3.52
CA ASP A 87 7.66 11.91 -2.94
C ASP A 87 8.69 11.89 -1.82
N ASN A 88 9.21 10.73 -1.45
CA ASN A 88 10.19 10.72 -0.37
C ASN A 88 11.41 9.89 -0.76
N LEU A 89 11.24 8.58 -0.91
CA LEU A 89 12.36 7.73 -1.32
C LEU A 89 12.96 8.22 -2.64
N LEU A 90 12.13 8.54 -3.61
CA LEU A 90 12.69 8.87 -4.93
C LEU A 90 13.23 10.29 -5.02
N ARG A 91 13.15 11.11 -3.97
CA ARG A 91 13.89 12.37 -3.95
C ARG A 91 15.23 12.25 -3.23
N ARG A 92 15.66 11.04 -2.91
CA ARG A 92 16.97 10.75 -2.33
C ARG A 92 17.80 9.94 -3.31
N ASP A 93 19.12 9.97 -3.13
CA ASP A 93 19.98 9.11 -3.93
C ASP A 93 20.08 7.72 -3.33
N TYR A 94 19.96 7.61 -2.00
CA TYR A 94 20.16 6.35 -1.29
C TYR A 94 19.19 6.27 -0.12
N TYR A 95 18.84 5.05 0.24
CA TYR A 95 18.14 4.76 1.48
C TYR A 95 18.71 3.47 2.04
N THR A 96 18.29 3.10 3.24
CA THR A 96 18.84 1.92 3.89
C THR A 96 17.76 0.90 4.17
N GLU A 97 18.20 -0.33 4.42
CA GLU A 97 17.29 -1.37 4.87
C GLU A 97 16.61 -0.97 6.17
N ARG A 98 17.32 -0.30 7.06
CA ARG A 98 16.74 0.16 8.32
C ARG A 98 15.62 1.17 8.10
N ASP A 99 15.78 2.08 7.13
CA ASP A 99 14.67 2.97 6.76
C ASP A 99 13.43 2.17 6.36
N ILE A 100 13.60 1.15 5.50
CA ILE A 100 12.43 0.41 5.02
C ILE A 100 11.75 -0.33 6.18
N ALA A 101 12.54 -0.93 7.08
CA ALA A 101 11.95 -1.62 8.24
C ALA A 101 11.13 -0.65 9.09
N HIS A 102 11.61 0.59 9.25
CA HIS A 102 10.86 1.62 9.95
C HIS A 102 9.51 1.88 9.31
N TYR A 103 9.45 1.96 7.96
CA TYR A 103 8.18 2.20 7.27
C TYR A 103 7.29 0.97 7.32
N ILE A 104 7.88 -0.22 7.14
CA ILE A 104 7.07 -1.43 7.13
C ILE A 104 6.48 -1.73 8.52
N ARG A 105 7.24 -1.48 9.58
CA ARG A 105 6.69 -1.71 10.91
C ARG A 105 5.47 -0.86 11.17
N GLN A 106 5.50 0.39 10.71
CA GLN A 106 4.34 1.27 10.89
C GLN A 106 3.16 0.81 10.04
N THR A 107 3.44 0.35 8.81
CA THR A 107 2.40 -0.24 7.97
C THR A 107 1.74 -1.42 8.68
N LEU A 108 2.54 -2.25 9.36
CA LEU A 108 1.98 -3.40 10.06
C LEU A 108 1.15 -2.99 11.28
N TRP A 109 1.54 -1.90 11.96
CA TRP A 109 0.73 -1.41 13.07
C TRP A 109 -0.64 -0.96 12.59
N GLY A 110 -0.67 -0.26 11.44
CA GLY A 110 -1.96 0.12 10.86
C GLY A 110 -2.77 -1.10 10.46
N LEU A 111 -2.13 -2.04 9.78
N LEU A 111 -2.13 -2.05 9.79
CA LEU A 111 -2.83 -3.27 9.40
CA LEU A 111 -2.81 -3.28 9.38
C LEU A 111 -3.31 -4.04 10.62
C LEU A 111 -3.29 -4.06 10.61
N GLU A 112 -2.48 -4.09 11.67
CA GLU A 112 -2.87 -4.82 12.87
C GLU A 112 -4.14 -4.22 13.49
N HIS A 113 -4.26 -2.89 13.48
CA HIS A 113 -5.47 -2.23 13.96
C HIS A 113 -6.70 -2.73 13.21
N MET A 114 -6.54 -2.88 11.90
CA MET A 114 -7.59 -3.27 10.98
C MET A 114 -7.93 -4.74 11.21
N HIS A 115 -6.89 -5.58 11.24
CA HIS A 115 -7.10 -7.02 11.42
C HIS A 115 -7.73 -7.32 12.77
N GLU A 116 -7.33 -6.59 13.82
CA GLU A 116 -7.88 -6.81 15.16
C GLU A 116 -9.38 -6.61 15.19
N MET A 117 -9.91 -5.76 14.34
CA MET A 117 -11.35 -5.55 14.32
C MET A 117 -12.03 -6.30 13.18
N GLY A 118 -11.34 -7.25 12.57
CA GLY A 118 -11.97 -8.15 11.63
C GLY A 118 -12.00 -7.66 10.21
N VAL A 119 -11.18 -6.67 9.86
CA VAL A 119 -11.22 -6.05 8.54
C VAL A 119 -9.88 -6.26 7.84
N GLY A 120 -9.95 -6.73 6.58
CA GLY A 120 -8.78 -6.84 5.72
C GLY A 120 -8.72 -5.63 4.80
N HIS A 121 -7.49 -5.20 4.50
CA HIS A 121 -7.32 -4.00 3.67
C HIS A 121 -7.64 -4.31 2.21
N MET A 122 -7.11 -5.41 1.70
CA MET A 122 -7.48 -6.06 0.45
C MET A 122 -6.81 -5.40 -0.76
N GLY A 123 -6.23 -4.21 -0.64
CA GLY A 123 -5.72 -3.57 -1.84
C GLY A 123 -4.41 -2.82 -1.68
N LEU A 124 -3.53 -3.29 -0.80
CA LEU A 124 -2.31 -2.54 -0.49
C LEU A 124 -1.37 -2.56 -1.69
N THR A 125 -0.85 -1.40 -2.07
CA THR A 125 0.21 -1.30 -3.08
C THR A 125 1.24 -0.30 -2.59
N ILE A 126 2.34 -0.15 -3.35
CA ILE A 126 3.38 0.79 -2.92
C ILE A 126 2.89 2.23 -2.91
N LYS A 127 1.86 2.56 -3.71
CA LYS A 127 1.36 3.94 -3.68
C LYS A 127 0.48 4.24 -2.47
N ASP A 128 0.08 3.25 -1.69
CA ASP A 128 -0.85 3.52 -0.60
C ASP A 128 -0.17 3.86 0.71
N LEU A 129 1.16 3.87 0.72
CA LEU A 129 1.93 4.25 1.90
C LEU A 129 2.27 5.71 1.75
N LEU A 130 1.79 6.53 2.67
CA LEU A 130 1.98 7.97 2.59
C LEU A 130 2.78 8.44 3.78
N ILE A 131 3.36 9.63 3.68
CA ILE A 131 4.16 10.21 4.77
C ILE A 131 3.43 11.46 5.26
N SER A 132 3.29 11.58 6.59
CA SER A 132 2.33 12.56 7.13
C SER A 132 2.80 14.00 7.00
N VAL A 133 4.10 14.29 7.17
CA VAL A 133 4.58 15.67 7.05
C VAL A 133 5.78 15.70 6.12
N VAL A 134 6.01 16.89 5.53
CA VAL A 134 7.12 17.05 4.59
C VAL A 134 8.43 16.70 5.30
N GLY A 135 9.21 15.82 4.69
CA GLY A 135 10.45 15.37 5.29
C GLY A 135 10.32 14.47 6.49
N GLY A 136 9.11 14.00 6.81
CA GLY A 136 8.88 13.20 8.00
C GLY A 136 9.07 11.72 7.75
N ASP A 137 8.74 10.94 8.79
CA ASP A 137 8.91 9.49 8.71
C ASP A 137 7.70 8.75 9.30
N ILE A 138 6.57 9.43 9.48
CA ILE A 138 5.36 8.77 9.98
C ILE A 138 4.53 8.32 8.79
N ILE A 139 4.21 7.03 8.77
CA ILE A 139 3.49 6.41 7.66
C ILE A 139 1.98 6.57 7.88
N LYS A 140 1.26 6.90 6.83
CA LYS A 140 -0.20 6.81 6.86
C LYS A 140 -0.62 5.87 5.74
N VAL A 141 -1.39 4.86 6.09
CA VAL A 141 -1.92 3.92 5.11
C VAL A 141 -3.26 4.44 4.61
N SER A 142 -3.48 4.32 3.30
CA SER A 142 -4.68 4.85 2.69
C SER A 142 -5.34 3.82 1.76
N ASP A 143 -6.37 4.27 1.04
CA ASP A 143 -7.14 3.55 0.02
C ASP A 143 -7.86 2.32 0.56
N PHE A 144 -8.99 2.54 1.18
CA PHE A 144 -9.80 1.48 1.76
C PHE A 144 -10.98 1.12 0.87
N GLY A 145 -10.93 1.45 -0.42
CA GLY A 145 -12.03 1.14 -1.31
C GLY A 145 -12.40 -0.33 -1.36
N LEU A 146 -11.41 -1.22 -1.21
CA LEU A 146 -11.69 -2.65 -1.26
C LEU A 146 -11.76 -3.31 0.12
N SER A 147 -11.56 -2.55 1.19
CA SER A 147 -11.49 -3.16 2.52
C SER A 147 -12.83 -3.81 2.90
N ARG A 148 -12.74 -4.91 3.66
CA ARG A 148 -13.93 -5.69 3.95
C ARG A 148 -13.79 -6.44 5.26
N LYS A 149 -14.93 -6.67 5.93
CA LYS A 149 -14.96 -7.62 7.04
C LYS A 149 -14.70 -9.02 6.54
N ILE A 150 -13.81 -9.73 7.22
CA ILE A 150 -13.44 -11.10 6.85
C ILE A 150 -13.90 -12.03 7.95
N ASN A 151 -14.71 -13.03 7.58
CA ASN A 151 -15.06 -14.17 8.44
C ASN A 151 -14.13 -15.30 8.04
N ARG A 152 -13.15 -15.62 8.90
CA ARG A 152 -12.13 -16.61 8.55
C ARG A 152 -12.72 -17.96 8.24
N HIS A 153 -13.97 -18.23 8.62
CA HIS A 153 -14.62 -19.51 8.40
C HIS A 153 -15.68 -19.44 7.30
N ASN A 154 -15.77 -18.31 6.58
CA ASN A 154 -16.70 -18.10 5.47
C ASN A 154 -16.04 -17.09 4.51
N LEU A 155 -15.02 -17.54 3.78
CA LEU A 155 -14.24 -16.65 2.92
C LEU A 155 -14.97 -16.38 1.61
N SER A 156 -14.72 -15.20 1.03
CA SER A 156 -15.28 -14.80 -0.25
C SER A 156 -14.17 -14.42 -1.21
N THR A 157 -14.46 -14.46 -2.51
CA THR A 157 -13.43 -14.05 -3.46
C THR A 157 -13.23 -12.53 -3.42
N LEU A 158 -12.08 -12.11 -3.91
CA LEU A 158 -11.77 -10.70 -4.14
C LEU A 158 -11.67 -10.51 -5.63
N ASP A 159 -12.54 -9.68 -6.20
CA ASP A 159 -12.69 -9.62 -7.65
C ASP A 159 -12.01 -8.40 -8.27
N TYR A 160 -11.26 -7.63 -7.48
CA TYR A 160 -10.70 -6.36 -7.92
C TYR A 160 -9.29 -6.22 -7.37
N GLY A 161 -8.44 -5.50 -8.10
CA GLY A 161 -7.14 -5.17 -7.56
C GLY A 161 -6.19 -4.73 -8.66
N MET A 162 -5.02 -4.27 -8.22
CA MET A 162 -3.92 -3.92 -9.13
C MET A 162 -3.11 -5.18 -9.42
N PRO A 163 -3.02 -5.61 -10.68
CA PRO A 163 -2.50 -6.97 -10.97
C PRO A 163 -1.12 -7.25 -10.41
N GLU A 164 -0.26 -6.24 -10.29
CA GLU A 164 1.09 -6.52 -9.86
C GLU A 164 1.17 -6.72 -8.34
N PHE A 165 0.07 -6.51 -7.61
CA PHE A 165 0.10 -6.63 -6.17
C PHE A 165 -1.01 -7.54 -5.64
N VAL A 166 -1.53 -8.46 -6.45
CA VAL A 166 -2.52 -9.40 -5.91
C VAL A 166 -1.81 -10.67 -5.47
N SER A 167 -2.53 -11.57 -4.82
CA SER A 167 -1.96 -12.82 -4.31
C SER A 167 -2.44 -13.99 -5.14
N PRO A 168 -1.80 -15.17 -5.01
CA PRO A 168 -2.25 -16.31 -5.83
C PRO A 168 -3.70 -16.68 -5.59
N GLU A 169 -4.20 -16.54 -4.37
CA GLU A 169 -5.59 -16.92 -4.15
C GLU A 169 -6.54 -15.99 -4.90
N VAL A 170 -6.16 -14.73 -5.10
CA VAL A 170 -6.98 -13.83 -5.92
C VAL A 170 -6.99 -14.31 -7.37
N VAL A 171 -5.82 -14.63 -7.92
CA VAL A 171 -5.74 -15.03 -9.32
C VAL A 171 -6.51 -16.33 -9.54
N ASN A 172 -6.39 -17.27 -8.61
CA ASN A 172 -7.11 -18.53 -8.73
C ASN A 172 -8.58 -18.44 -8.32
N LYS A 173 -9.06 -17.26 -7.93
CA LYS A 173 -10.48 -17.06 -7.57
C LYS A 173 -10.89 -17.95 -6.40
N GLU A 174 -10.05 -18.00 -5.38
CA GLU A 174 -10.39 -18.68 -4.15
C GLU A 174 -10.73 -17.66 -3.07
N GLY A 175 -11.26 -18.17 -1.95
CA GLY A 175 -11.58 -17.29 -0.84
C GLY A 175 -10.34 -16.60 -0.30
N VAL A 176 -10.51 -15.34 0.11
CA VAL A 176 -9.40 -14.48 0.50
C VAL A 176 -9.49 -14.17 1.98
N ASN A 177 -8.39 -14.41 2.70
CA ASN A 177 -8.28 -14.28 4.16
C ASN A 177 -7.39 -13.09 4.47
N PHE A 178 -7.16 -12.87 5.78
CA PHE A 178 -6.23 -11.84 6.20
C PHE A 178 -4.82 -12.08 5.65
N SER A 179 -4.49 -13.33 5.38
CA SER A 179 -3.17 -13.67 4.85
C SER A 179 -2.92 -13.07 3.47
N HIS A 180 -3.96 -12.63 2.78
CA HIS A 180 -3.74 -11.89 1.53
C HIS A 180 -3.01 -10.58 1.78
N ASP A 181 -3.44 -9.81 2.80
CA ASP A 181 -2.73 -8.58 3.15
C ASP A 181 -1.26 -8.86 3.47
N MET A 182 -1.01 -9.97 4.16
CA MET A 182 0.35 -10.32 4.55
C MET A 182 1.20 -10.64 3.33
N TRP A 183 0.64 -11.33 2.34
CA TRP A 183 1.33 -11.50 1.07
C TRP A 183 1.71 -10.16 0.47
N THR A 184 0.76 -9.22 0.43
CA THR A 184 1.05 -7.92 -0.17
C THR A 184 2.12 -7.17 0.61
N VAL A 185 2.16 -7.33 1.95
CA VAL A 185 3.24 -6.72 2.72
C VAL A 185 4.59 -7.29 2.31
N GLY A 186 4.67 -8.62 2.13
CA GLY A 186 5.91 -9.23 1.67
C GLY A 186 6.31 -8.71 0.30
N LEU A 187 5.35 -8.52 -0.59
N LEU A 187 5.35 -8.57 -0.60
CA LEU A 187 5.67 -8.04 -1.93
CA LEU A 187 5.63 -8.03 -1.93
C LEU A 187 6.13 -6.58 -1.90
C LEU A 187 6.17 -6.61 -1.84
N ILE A 188 5.46 -5.74 -1.10
CA ILE A 188 5.89 -4.35 -0.98
C ILE A 188 7.29 -4.26 -0.39
N THR A 189 7.58 -5.09 0.62
CA THR A 189 8.92 -5.10 1.20
C THR A 189 9.96 -5.52 0.17
N TYR A 190 9.65 -6.55 -0.63
CA TYR A 190 10.58 -6.98 -1.68
C TYR A 190 10.84 -5.83 -2.64
N VAL A 191 9.77 -5.14 -3.07
CA VAL A 191 9.91 -4.04 -4.02
C VAL A 191 10.73 -2.92 -3.40
N LEU A 192 10.47 -2.58 -2.12
CA LEU A 192 11.17 -1.45 -1.52
C LEU A 192 12.66 -1.74 -1.30
N LEU A 193 12.99 -2.98 -0.96
CA LEU A 193 14.42 -3.26 -0.74
C LEU A 193 15.14 -3.49 -2.06
N GLY A 194 14.56 -4.31 -2.93
CA GLY A 194 15.24 -4.73 -4.15
C GLY A 194 14.93 -3.88 -5.36
N GLY A 195 13.88 -3.05 -5.30
CA GLY A 195 13.61 -2.14 -6.39
C GLY A 195 12.98 -2.76 -7.61
N HIS A 196 12.48 -3.99 -7.52
CA HIS A 196 11.79 -4.61 -8.65
C HIS A 196 10.70 -5.54 -8.13
N ASN A 197 9.71 -5.80 -8.97
CA ASN A 197 8.60 -6.66 -8.60
C ASN A 197 8.89 -8.05 -9.14
N PRO A 198 9.05 -9.07 -8.31
CA PRO A 198 9.48 -10.38 -8.83
C PRO A 198 8.44 -11.06 -9.69
N PHE A 199 7.21 -10.57 -9.74
CA PHE A 199 6.19 -11.19 -10.57
C PHE A 199 5.85 -10.37 -11.80
N LEU A 200 6.60 -9.30 -12.07
CA LEU A 200 6.28 -8.45 -13.22
C LEU A 200 6.44 -9.24 -14.52
N GLY A 201 5.38 -9.27 -15.32
CA GLY A 201 5.44 -9.82 -16.66
C GLY A 201 5.41 -8.70 -17.68
N ILE A 202 5.38 -9.10 -18.97
CA ILE A 202 5.39 -8.11 -20.04
C ILE A 202 4.09 -7.32 -20.06
N ASP A 203 3.00 -7.91 -19.61
CA ASP A 203 1.71 -7.24 -19.55
C ASP A 203 0.92 -7.83 -18.38
N ASP A 204 -0.24 -7.24 -18.11
CA ASP A 204 -1.05 -7.64 -16.96
C ASP A 204 -1.35 -9.14 -16.98
N ARG A 205 -1.76 -9.68 -18.14
CA ARG A 205 -2.05 -11.11 -18.21
C ARG A 205 -0.84 -11.94 -17.76
N GLU A 206 0.36 -11.60 -18.25
CA GLU A 206 1.51 -12.41 -17.88
C GLU A 206 1.88 -12.25 -16.40
N THR A 207 1.78 -11.02 -15.88
CA THR A 207 1.98 -10.81 -14.46
C THR A 207 1.06 -11.72 -13.63
N LEU A 208 -0.20 -11.79 -14.03
CA LEU A 208 -1.14 -12.63 -13.28
C LEU A 208 -0.76 -14.09 -13.38
N THR A 209 -0.24 -14.53 -14.53
CA THR A 209 0.17 -15.93 -14.60
C THR A 209 1.41 -16.17 -13.76
N LYS A 210 2.30 -15.18 -13.62
CA LYS A 210 3.47 -15.38 -12.76
C LYS A 210 3.05 -15.46 -11.30
N ILE A 211 2.09 -14.62 -10.88
CA ILE A 211 1.59 -14.69 -9.51
C ILE A 211 0.92 -16.04 -9.26
N ARG A 212 0.09 -16.48 -10.21
CA ARG A 212 -0.57 -17.77 -10.12
C ARG A 212 0.43 -18.91 -9.88
N GLU A 213 1.59 -18.89 -10.55
CA GLU A 213 2.59 -19.95 -10.33
C GLU A 213 3.31 -19.77 -8.99
N GLY A 214 3.57 -18.54 -8.58
CA GLY A 214 4.05 -18.27 -7.24
C GLY A 214 5.55 -18.34 -7.00
N ARG A 215 6.36 -18.45 -8.05
CA ARG A 215 7.81 -18.58 -7.91
C ARG A 215 8.51 -17.24 -8.02
N TRP A 216 9.53 -17.07 -7.20
CA TRP A 216 10.32 -15.85 -7.12
C TRP A 216 11.63 -16.24 -6.45
N ASP A 217 12.62 -15.37 -6.53
CA ASP A 217 13.89 -15.67 -5.88
C ASP A 217 14.61 -14.37 -5.54
N PHE A 218 15.75 -14.52 -4.90
CA PHE A 218 16.63 -13.40 -4.53
C PHE A 218 17.84 -13.34 -5.47
N LYS A 219 17.62 -13.37 -6.78
CA LYS A 219 18.71 -13.52 -7.73
C LYS A 219 19.54 -12.24 -7.91
N ASP A 220 18.91 -11.07 -7.82
CA ASP A 220 19.61 -9.81 -8.09
C ASP A 220 20.70 -9.59 -7.05
N GLU A 221 21.78 -8.91 -7.45
CA GLU A 221 22.94 -8.79 -6.58
C GLU A 221 22.65 -7.96 -5.33
N ILE A 222 21.63 -7.09 -5.35
CA ILE A 222 21.33 -6.26 -4.18
C ILE A 222 21.03 -7.14 -2.96
N TRP A 223 20.45 -8.30 -3.19
CA TRP A 223 20.02 -9.13 -2.07
C TRP A 223 21.19 -9.64 -1.23
N THR A 224 22.40 -9.71 -1.79
CA THR A 224 23.53 -10.17 -0.98
C THR A 224 23.89 -9.15 0.08
N HIS A 225 23.42 -7.90 -0.05
CA HIS A 225 23.72 -6.85 0.90
C HIS A 225 22.55 -6.57 1.84
N ILE A 226 21.45 -7.30 1.71
CA ILE A 226 20.34 -7.21 2.63
C ILE A 226 20.56 -8.22 3.75
N SER A 227 20.19 -7.85 4.98
CA SER A 227 20.42 -8.73 6.12
C SER A 227 19.68 -10.06 5.95
N ASP A 228 20.22 -11.10 6.59
CA ASP A 228 19.53 -12.38 6.60
C ASP A 228 18.13 -12.25 7.19
N ASP A 229 17.95 -11.43 8.22
CA ASP A 229 16.64 -11.29 8.85
C ASP A 229 15.66 -10.65 7.87
N GLY A 230 16.12 -9.69 7.07
CA GLY A 230 15.25 -9.05 6.09
C GLY A 230 14.81 -10.02 5.01
N ARG A 231 15.73 -10.83 4.50
CA ARG A 231 15.34 -11.85 3.54
C ARG A 231 14.42 -12.87 4.17
N ASP A 232 14.66 -13.22 5.44
CA ASP A 232 13.80 -14.18 6.13
C ASP A 232 12.38 -13.64 6.30
N PHE A 233 12.27 -12.37 6.71
CA PHE A 233 10.97 -11.72 6.81
C PHE A 233 10.17 -11.83 5.51
N ILE A 234 10.76 -11.42 4.39
CA ILE A 234 10.09 -11.56 3.10
C ILE A 234 9.71 -13.01 2.82
N SER A 235 10.63 -13.94 3.09
CA SER A 235 10.36 -15.31 2.66
C SER A 235 9.31 -16.02 3.52
N ARG A 236 8.98 -15.47 4.69
CA ARG A 236 7.87 -15.95 5.50
C ARG A 236 6.54 -15.31 5.14
N LEU A 237 6.54 -14.38 4.20
CA LEU A 237 5.31 -13.75 3.72
C LEU A 237 4.97 -14.13 2.30
N LEU A 238 5.96 -14.25 1.41
CA LEU A 238 5.72 -14.61 0.02
C LEU A 238 5.67 -16.13 -0.12
N LEU A 239 4.70 -16.72 0.54
CA LEU A 239 4.48 -18.15 0.47
C LEU A 239 3.18 -18.41 -0.27
N TYR A 240 3.22 -19.38 -1.18
CA TYR A 240 2.05 -19.64 -2.01
C TYR A 240 0.86 -20.09 -1.15
N SER A 241 1.09 -20.95 -0.16
CA SER A 241 -0.01 -21.40 0.69
C SER A 241 -0.36 -20.33 1.72
N PRO A 242 -1.60 -19.84 1.75
CA PRO A 242 -1.89 -18.67 2.61
C PRO A 242 -1.73 -18.97 4.08
N GLU A 243 -2.05 -20.20 4.51
CA GLU A 243 -1.96 -20.55 5.92
C GLU A 243 -0.52 -20.65 6.41
N GLU A 244 0.46 -20.83 5.51
CA GLU A 244 1.86 -20.83 5.91
C GLU A 244 2.41 -19.44 6.19
N ARG A 245 1.76 -18.38 5.72
CA ARG A 245 2.28 -17.03 5.88
C ARG A 245 2.18 -16.56 7.33
N MET A 246 3.13 -15.72 7.74
CA MET A 246 3.05 -15.08 9.05
C MET A 246 1.78 -14.22 9.13
N ASP A 247 1.11 -14.26 10.27
CA ASP A 247 0.02 -13.30 10.48
C ASP A 247 0.62 -11.97 10.96
N VAL A 248 -0.24 -10.96 11.15
CA VAL A 248 0.28 -9.61 11.37
C VAL A 248 1.00 -9.52 12.72
N LYS A 249 0.49 -10.20 13.76
CA LYS A 249 1.16 -10.10 15.06
C LYS A 249 2.48 -10.87 15.07
N THR A 250 2.54 -12.01 14.39
CA THR A 250 3.80 -12.74 14.26
C THR A 250 4.81 -11.95 13.44
N ALA A 251 4.36 -11.31 12.37
CA ALA A 251 5.26 -10.47 11.58
C ALA A 251 5.85 -9.35 12.44
N LEU A 252 5.03 -8.75 13.31
CA LEU A 252 5.53 -7.69 14.17
C LEU A 252 6.57 -8.19 15.18
N LYS A 253 6.57 -9.48 15.51
CA LYS A 253 7.59 -10.03 16.41
C LYS A 253 8.83 -10.54 15.68
N HIS A 254 8.89 -10.41 14.36
CA HIS A 254 10.00 -10.98 13.62
C HIS A 254 11.31 -10.26 13.95
N PRO A 255 12.43 -10.99 14.03
CA PRO A 255 13.69 -10.34 14.42
C PRO A 255 14.16 -9.24 13.48
N TRP A 256 13.64 -9.16 12.25
CA TRP A 256 14.04 -8.08 11.37
C TRP A 256 13.91 -6.72 12.05
N PHE A 257 12.83 -6.53 12.82
CA PHE A 257 12.60 -5.24 13.45
C PHE A 257 13.46 -4.99 14.68
N PHE A 258 14.25 -5.97 15.13
CA PHE A 258 15.14 -5.72 16.26
C PHE A 258 16.15 -4.62 15.95
N MET A 259 16.49 -4.42 14.68
CA MET A 259 17.50 -3.41 14.37
C MET A 259 17.00 -2.00 14.68
N LEU A 260 15.67 -1.80 14.73
CA LEU A 260 15.10 -0.48 15.04
C LEU A 260 15.26 -0.11 16.51
N ASP A 261 15.58 -1.07 17.36
CA ASP A 261 15.71 -0.83 18.79
C ASP A 261 17.17 -0.86 19.21
N ARG A 262 18.04 -0.31 18.36
CA ARG A 262 19.48 -0.26 18.57
C ARG A 262 20.01 1.00 17.89
N PRO A 263 21.19 1.47 18.26
CA PRO A 263 21.72 2.69 17.65
C PRO A 263 22.05 2.49 16.19
N VAL A 264 21.66 3.47 15.37
CA VAL A 264 21.89 3.45 13.92
C VAL A 264 23.40 3.37 13.66
N TYR A 265 23.88 2.17 13.34
CA TYR A 265 25.31 1.96 13.14
C TYR A 265 25.84 2.79 11.99
N ASP A 266 27.12 3.16 12.09
CA ASP A 266 27.78 3.98 11.07
C ASP A 266 28.25 3.10 9.92
N HIS A 267 27.52 1.99 9.67
CA HIS A 267 27.91 1.07 8.61
C HIS A 267 26.70 0.45 7.93
N ASP A 268 25.56 1.15 7.91
CA ASP A 268 24.42 0.65 7.17
C ASP A 268 24.73 0.67 5.67
N TYR A 269 24.37 -0.41 4.99
CA TYR A 269 24.51 -0.48 3.54
C TYR A 269 23.59 0.55 2.88
N GLN A 270 24.11 1.27 1.87
CA GLN A 270 23.36 2.32 1.18
C GLN A 270 22.80 1.76 -0.13
N ILE A 271 21.48 1.70 -0.21
CA ILE A 271 20.76 1.19 -1.39
C ILE A 271 20.44 2.36 -2.32
N GLY A 272 20.94 2.29 -3.55
CA GLY A 272 20.61 3.31 -4.54
C GLY A 272 19.16 3.25 -5.00
N THR A 273 18.63 4.40 -5.39
CA THR A 273 17.22 4.52 -5.74
C THR A 273 16.92 4.22 -7.21
N ASP A 274 17.94 3.91 -8.01
CA ASP A 274 17.72 3.79 -9.46
C ASP A 274 16.74 2.66 -9.79
N ARG A 275 16.94 1.48 -9.19
CA ARG A 275 16.03 0.36 -9.47
C ARG A 275 14.59 0.70 -9.10
N LEU A 276 14.37 1.19 -7.88
CA LEU A 276 13.03 1.55 -7.46
C LEU A 276 12.43 2.63 -8.38
N ARG A 277 13.27 3.59 -8.80
N ARG A 277 13.24 3.59 -8.83
CA ARG A 277 12.85 4.64 -9.73
CA ARG A 277 12.69 4.62 -9.71
C ARG A 277 12.28 4.04 -11.01
C ARG A 277 12.24 4.01 -11.04
N ASN A 278 12.99 3.06 -11.57
CA ASN A 278 12.57 2.42 -12.81
C ASN A 278 11.28 1.65 -12.63
N TYR A 279 11.13 0.92 -11.52
CA TYR A 279 9.89 0.22 -11.30
C TYR A 279 8.74 1.19 -11.06
N TYR A 280 8.97 2.27 -10.30
CA TYR A 280 7.88 3.21 -10.04
C TYR A 280 7.37 3.83 -11.35
N ASP A 281 8.28 4.19 -12.25
CA ASP A 281 7.86 4.73 -13.54
C ASP A 281 6.91 3.79 -14.28
N HIS A 282 7.21 2.49 -14.25
CA HIS A 282 6.32 1.50 -14.85
C HIS A 282 4.99 1.41 -14.10
N PHE A 283 5.06 1.34 -12.76
CA PHE A 283 3.87 1.19 -11.93
C PHE A 283 2.92 2.37 -12.11
N ARG A 284 3.48 3.58 -12.11
CA ARG A 284 2.67 4.78 -12.23
C ARG A 284 1.88 4.80 -13.54
N ASP A 285 2.47 4.28 -14.63
CA ASP A 285 1.77 4.31 -15.92
CA ASP A 285 1.79 4.29 -15.92
C ASP A 285 0.49 3.48 -15.90
N TRP A 286 0.42 2.47 -15.04
CA TRP A 286 -0.80 1.65 -15.02
C TRP A 286 -2.03 2.49 -14.68
N TYR A 287 -1.84 3.57 -13.92
CA TYR A 287 -2.92 4.44 -13.49
C TYR A 287 -3.19 5.60 -14.46
N ALA A 288 -2.49 5.65 -15.60
CA ALA A 288 -2.70 6.74 -16.54
C ALA A 288 -4.12 6.73 -17.10
N ASN A 289 -4.69 5.55 -17.32
CA ASN A 289 -6.04 5.39 -17.86
C ASN A 289 -6.93 4.71 -16.82
N ALA A 290 -7.51 5.53 -15.92
CA ALA A 290 -8.41 5.09 -14.87
C ALA A 290 -7.99 3.77 -14.21
N SER A 291 -8.61 2.66 -14.63
CA SER A 291 -8.35 1.37 -14.00
C SER A 291 -8.55 0.24 -14.99
N CYS A 292 -7.72 -0.80 -14.86
CA CYS A 292 -7.80 -2.02 -15.66
C CYS A 292 -7.91 -3.25 -14.75
N LYS A 293 -8.85 -3.23 -13.80
CA LYS A 293 -8.96 -4.27 -12.78
C LYS A 293 -9.73 -5.48 -13.30
N ASN A 294 -10.64 -6.03 -12.50
CA ASN A 294 -11.47 -7.17 -12.91
C ASN A 294 -10.69 -8.40 -13.37
#